data_7U0U
#
_entry.id   7U0U
#
_cell.length_a   75.010
_cell.length_b   83.700
_cell.length_c   137.580
_cell.angle_alpha   90.000
_cell.angle_beta   90.000
_cell.angle_gamma   90.000
#
_symmetry.space_group_name_H-M   'I 2 2 2'
#
loop_
_entity.id
_entity.type
_entity.pdbx_description
1 polymer 'Serine/threonine-protein phosphatase 2B catalytic subunit,AsfuA.00174.a.TQ11 + AsfuA.01011.a.TR11'
2 polymer 'Peptidylprolyl isomerase'
3 non-polymer 'CALCIUM ION'
4 non-polymer 'TETRAETHYLENE GLYCOL'
5 non-polymer 'PHOSPHATE ION'
6 non-polymer 8-DEETHYL-8-[BUT-3-ENYL]-ASCOMYCIN
7 water water
#
loop_
_entity_poly.entity_id
_entity_poly.type
_entity_poly.pdbx_seq_one_letter_code
_entity_poly.pdbx_strand_id
1 'polypeptide(L)'
;MSGSHHHHHHHHGGENLYFQGSTPHPYWLPNFMDVFTWSLPFVGEKITDMLIAILNTCGGGSSGGSTSGGSSGGGMEQPS
EPNNAAMYDARRRRASVGTSQLLDNIVSASNFDRDEVDRLRKRFMKLDKDSSGTIDRDEFLSLPQVSSNPLATRMIAIFD
EDGGGDVDFQEFVSGLSAFSSKGNKEEKLRFAFKVYDIDRDGYISNGELFIVLKMMVGNNLKDVQLQQIVDKTIMEADKD
RDGKISFEEFTEMVENTDVSLSMTLSMF
;
A
2 'polypeptide(L)'
;MGSSHHHHHHSSGLVPRGSHMGVTKELKSPGNGVDFPKKGDFVTIHYTGRLTDGSKFDSSVDRNEPFQTQIGTGRVIKGW
DEGVPQMSLGEKAVLTITPDYGYGARGFPGVIPGNSTLIFEVELLGINNKRA
;
B
#
loop_
_chem_comp.id
_chem_comp.type
_chem_comp.name
_chem_comp.formula
CA non-polymer 'CALCIUM ION' 'Ca 2'
FK5 non-polymer 8-DEETHYL-8-[BUT-3-ENYL]-ASCOMYCIN 'C44 H69 N O12'
PG4 non-polymer 'TETRAETHYLENE GLYCOL' 'C8 H18 O5'
PO4 non-polymer 'PHOSPHATE ION' 'O4 P -3'
#
# COMPACT_ATOMS: atom_id res chain seq x y z
N HIS A 25 -10.70 17.18 16.95
CA HIS A 25 -11.13 17.42 15.58
C HIS A 25 -11.40 16.09 14.88
N PRO A 26 -12.64 15.87 14.44
CA PRO A 26 -12.99 14.58 13.83
C PRO A 26 -12.20 14.36 12.55
N TYR A 27 -11.89 13.10 12.27
CA TYR A 27 -11.16 12.77 11.06
C TYR A 27 -11.91 11.71 10.28
N TRP A 28 -11.94 11.87 8.96
CA TRP A 28 -12.49 10.87 8.07
CA TRP A 28 -12.51 10.89 8.06
C TRP A 28 -11.62 10.77 6.83
N LEU A 29 -11.63 9.60 6.20
CA LEU A 29 -10.89 9.41 4.97
C LEU A 29 -11.55 10.20 3.85
N PRO A 30 -10.83 10.44 2.74
CA PRO A 30 -11.44 11.16 1.61
C PRO A 30 -12.76 10.52 1.21
N ASN A 31 -13.78 11.36 1.03
CA ASN A 31 -15.12 10.92 0.66
C ASN A 31 -15.71 9.92 1.66
N PHE A 32 -15.24 9.96 2.90
CA PHE A 32 -15.77 9.12 3.97
C PHE A 32 -15.64 7.64 3.64
N MET A 33 -14.62 7.29 2.86
CA MET A 33 -14.47 5.91 2.42
C MET A 33 -14.03 5.00 3.58
N ASP A 34 -14.27 3.69 3.42
CA ASP A 34 -13.91 2.72 4.44
C ASP A 34 -12.42 2.35 4.35
N VAL A 35 -11.88 1.78 5.44
CA VAL A 35 -10.44 1.56 5.47
C VAL A 35 -10.00 0.44 4.55
N PHE A 36 -10.90 -0.44 4.11
CA PHE A 36 -10.47 -1.51 3.21
C PHE A 36 -10.27 -0.99 1.80
N THR A 37 -11.29 -0.29 1.27
CA THR A 37 -11.12 0.37 -0.03
C THR A 37 -9.85 1.20 -0.04
N TRP A 38 -9.59 1.88 1.07
CA TRP A 38 -8.48 2.81 1.20
C TRP A 38 -7.14 2.08 1.19
N SER A 39 -7.03 0.94 1.88
CA SER A 39 -5.73 0.33 2.08
C SER A 39 -5.42 -0.79 1.10
N LEU A 40 -6.43 -1.42 0.51
CA LEU A 40 -6.16 -2.61 -0.31
C LEU A 40 -5.26 -2.34 -1.51
N PRO A 41 -5.36 -1.21 -2.22
CA PRO A 41 -4.41 -0.98 -3.33
C PRO A 41 -2.97 -1.03 -2.88
N PHE A 42 -2.66 -0.40 -1.74
CA PHE A 42 -1.31 -0.43 -1.20
C PHE A 42 -0.93 -1.84 -0.73
N VAL A 43 -1.86 -2.55 -0.10
CA VAL A 43 -1.60 -3.95 0.28
C VAL A 43 -1.17 -4.77 -0.94
N GLY A 44 -1.94 -4.68 -2.03
CA GLY A 44 -1.59 -5.43 -3.22
C GLY A 44 -0.28 -4.98 -3.84
N GLU A 45 -0.05 -3.67 -3.86
CA GLU A 45 1.22 -3.17 -4.40
C GLU A 45 2.41 -3.71 -3.60
N LYS A 46 2.34 -3.61 -2.28
CA LYS A 46 3.47 -4.02 -1.45
C LYS A 46 3.71 -5.53 -1.53
N ILE A 47 2.65 -6.33 -1.51
CA ILE A 47 2.82 -7.78 -1.59
CA ILE A 47 2.84 -7.78 -1.59
C ILE A 47 3.38 -8.17 -2.96
N THR A 48 2.80 -7.62 -4.03
CA THR A 48 3.29 -8.00 -5.35
C THR A 48 4.72 -7.51 -5.59
N ASP A 49 5.10 -6.39 -4.97
CA ASP A 49 6.50 -5.97 -4.99
C ASP A 49 7.41 -7.05 -4.42
N MET A 50 6.99 -7.66 -3.31
CA MET A 50 7.82 -8.70 -2.70
C MET A 50 7.81 -9.97 -3.52
N LEU A 51 6.67 -10.32 -4.12
CA LEU A 51 6.61 -11.53 -4.94
C LEU A 51 7.52 -11.39 -6.16
N ILE A 52 7.56 -10.20 -6.75
CA ILE A 52 8.47 -9.94 -7.87
C ILE A 52 9.91 -10.18 -7.44
N ALA A 53 10.29 -9.67 -6.27
CA ALA A 53 11.64 -9.88 -5.77
C ALA A 53 11.92 -11.37 -5.56
N ILE A 54 10.95 -12.08 -4.98
CA ILE A 54 11.15 -13.50 -4.71
C ILE A 54 11.26 -14.29 -6.01
N LEU A 55 10.36 -14.04 -6.95
CA LEU A 55 10.38 -14.75 -8.22
C LEU A 55 11.59 -14.42 -9.06
N ASN A 56 12.36 -13.40 -8.71
CA ASN A 56 13.60 -13.07 -9.43
C ASN A 56 14.80 -13.09 -8.50
N ILE A 106 -3.77 -28.03 -2.85
CA ILE A 106 -2.61 -28.83 -3.26
C ILE A 106 -2.03 -28.30 -4.57
N VAL A 107 -0.83 -28.76 -4.90
CA VAL A 107 -0.12 -28.28 -6.09
C VAL A 107 -0.95 -28.55 -7.34
N SER A 108 -1.53 -29.75 -7.45
CA SER A 108 -2.26 -30.12 -8.66
C SER A 108 -3.56 -29.32 -8.83
N ALA A 109 -4.04 -28.68 -7.76
CA ALA A 109 -5.22 -27.83 -7.83
C ALA A 109 -4.88 -26.35 -7.90
N SER A 110 -3.60 -26.00 -7.96
CA SER A 110 -3.19 -24.60 -8.00
C SER A 110 -3.47 -24.01 -9.39
N ASN A 111 -3.27 -22.70 -9.50
CA ASN A 111 -3.50 -21.97 -10.74
C ASN A 111 -2.34 -22.09 -11.71
N PHE A 112 -1.35 -22.95 -11.45
CA PHE A 112 -0.18 -23.07 -12.29
C PHE A 112 -0.20 -24.41 -13.00
N ASP A 113 0.14 -24.40 -14.29
CA ASP A 113 0.35 -25.64 -15.00
C ASP A 113 1.57 -26.36 -14.43
N ARG A 114 1.73 -27.62 -14.83
CA ARG A 114 2.82 -28.41 -14.29
C ARG A 114 4.18 -27.81 -14.60
N ASP A 115 4.31 -27.13 -15.75
CA ASP A 115 5.58 -26.52 -16.12
C ASP A 115 5.91 -25.33 -15.23
N GLU A 116 4.93 -24.45 -15.00
CA GLU A 116 5.17 -23.28 -14.16
C GLU A 116 5.51 -23.70 -12.73
N VAL A 117 4.82 -24.73 -12.22
CA VAL A 117 5.14 -25.27 -10.90
C VAL A 117 6.61 -25.66 -10.82
N ASP A 118 7.12 -26.28 -11.89
CA ASP A 118 8.52 -26.71 -11.90
C ASP A 118 9.48 -25.53 -11.89
N ARG A 119 9.10 -24.42 -12.54
CA ARG A 119 9.91 -23.22 -12.45
C ARG A 119 9.91 -22.66 -11.03
N LEU A 120 8.76 -22.71 -10.35
CA LEU A 120 8.72 -22.25 -8.97
C LEU A 120 9.56 -23.13 -8.06
N ARG A 121 9.67 -24.43 -8.37
CA ARG A 121 10.52 -25.30 -7.59
C ARG A 121 11.97 -24.83 -7.63
N LYS A 122 12.41 -24.31 -8.78
CA LYS A 122 13.77 -23.78 -8.87
C LYS A 122 13.89 -22.46 -8.13
N ARG A 123 12.86 -21.62 -8.17
CA ARG A 123 12.88 -20.37 -7.41
C ARG A 123 12.88 -20.64 -5.91
N PHE A 124 12.06 -21.60 -5.47
CA PHE A 124 12.04 -21.97 -4.05
C PHE A 124 13.41 -22.43 -3.58
N MET A 125 14.09 -23.25 -4.40
CA MET A 125 15.35 -23.86 -3.97
C MET A 125 16.43 -22.80 -3.75
N LYS A 126 16.45 -21.77 -4.58
CA LYS A 126 17.46 -20.72 -4.42
C LYS A 126 17.25 -19.94 -3.12
N LEU A 127 15.99 -19.79 -2.69
CA LEU A 127 15.70 -19.02 -1.48
C LEU A 127 16.04 -19.79 -0.22
N ASP A 128 15.76 -21.09 -0.20
CA ASP A 128 16.15 -21.94 0.93
C ASP A 128 17.65 -22.10 0.96
N LYS A 129 18.33 -21.22 1.71
CA LYS A 129 19.79 -21.20 1.69
C LYS A 129 20.42 -22.39 2.40
N ASP A 130 19.69 -23.05 3.30
CA ASP A 130 20.25 -24.15 4.09
C ASP A 130 19.70 -25.51 3.67
N SER A 131 18.89 -25.57 2.60
CA SER A 131 18.38 -26.84 2.06
C SER A 131 17.55 -27.61 3.10
N SER A 132 16.67 -26.89 3.80
CA SER A 132 15.76 -27.52 4.75
C SER A 132 14.46 -27.96 4.12
N GLY A 133 14.24 -27.64 2.84
CA GLY A 133 12.93 -27.79 2.25
C GLY A 133 11.92 -26.75 2.68
N THR A 134 12.33 -25.80 3.51
CA THR A 134 11.46 -24.75 4.01
C THR A 134 12.22 -23.43 3.99
N ILE A 135 11.48 -22.33 3.81
CA ILE A 135 12.03 -20.98 3.86
C ILE A 135 11.61 -20.34 5.17
N ASP A 136 12.58 -19.85 5.94
CA ASP A 136 12.32 -19.25 7.24
C ASP A 136 12.34 -17.73 7.12
N ARG A 137 12.10 -17.06 8.25
CA ARG A 137 11.99 -15.61 8.26
C ARG A 137 13.30 -14.95 7.83
N ASP A 138 14.43 -15.50 8.27
CA ASP A 138 15.71 -14.90 7.92
C ASP A 138 16.00 -15.02 6.42
N GLU A 139 15.56 -16.11 5.79
CA GLU A 139 15.81 -16.27 4.36
C GLU A 139 14.90 -15.35 3.54
N PHE A 140 13.68 -15.09 4.01
CA PHE A 140 12.82 -14.12 3.35
C PHE A 140 13.42 -12.72 3.44
N LEU A 141 13.84 -12.33 4.64
CA LEU A 141 14.38 -10.99 4.86
C LEU A 141 15.76 -10.79 4.23
N SER A 142 16.38 -11.85 3.73
CA SER A 142 17.64 -11.71 3.02
C SER A 142 17.49 -10.84 1.77
N LEU A 143 16.28 -10.72 1.24
CA LEU A 143 16.06 -9.88 0.07
C LEU A 143 15.90 -8.43 0.53
N PRO A 144 16.59 -7.48 -0.11
CA PRO A 144 16.41 -6.06 0.28
C PRO A 144 15.00 -5.57 0.04
N GLN A 145 14.36 -6.02 -1.04
CA GLN A 145 13.00 -5.61 -1.35
C GLN A 145 11.98 -6.12 -0.34
N VAL A 146 12.32 -7.17 0.41
CA VAL A 146 11.42 -7.69 1.42
C VAL A 146 11.65 -7.00 2.77
N SER A 147 12.91 -6.82 3.17
CA SER A 147 13.22 -6.25 4.47
C SER A 147 12.77 -4.80 4.61
N SER A 148 12.79 -4.03 3.51
CA SER A 148 12.30 -2.66 3.57
C SER A 148 10.79 -2.55 3.47
N ASN A 149 10.07 -3.67 3.28
CA ASN A 149 8.65 -3.65 2.94
C ASN A 149 7.78 -3.71 4.18
N PRO A 150 6.83 -2.79 4.36
CA PRO A 150 6.01 -2.77 5.58
C PRO A 150 5.09 -3.98 5.72
N LEU A 151 4.86 -4.76 4.68
CA LEU A 151 4.01 -5.93 4.79
C LEU A 151 4.78 -7.23 4.77
N ALA A 152 6.10 -7.19 4.96
CA ALA A 152 6.89 -8.42 4.92
C ALA A 152 6.46 -9.40 6.00
N THR A 153 6.24 -8.91 7.22
CA THR A 153 5.86 -9.80 8.32
CA THR A 153 5.86 -9.80 8.32
C THR A 153 4.50 -10.44 8.06
N ARG A 154 3.54 -9.67 7.52
CA ARG A 154 2.23 -10.24 7.21
C ARG A 154 2.33 -11.29 6.10
N MET A 155 3.07 -10.99 5.03
CA MET A 155 3.18 -11.95 3.93
C MET A 155 3.80 -13.26 4.39
N ILE A 156 4.86 -13.17 5.20
CA ILE A 156 5.52 -14.38 5.70
C ILE A 156 4.56 -15.20 6.55
N ALA A 157 3.80 -14.53 7.43
CA ALA A 157 2.86 -15.24 8.27
C ALA A 157 1.76 -15.92 7.45
N ILE A 158 1.28 -15.25 6.40
CA ILE A 158 0.23 -15.82 5.57
C ILE A 158 0.76 -17.03 4.79
N PHE A 159 1.97 -16.91 4.25
CA PHE A 159 2.53 -18.04 3.53
CA PHE A 159 2.60 -18.03 3.55
C PHE A 159 2.67 -19.27 4.43
N ASP A 160 2.90 -19.06 5.73
CA ASP A 160 3.03 -20.16 6.69
C ASP A 160 1.64 -20.65 7.09
N GLU A 161 1.04 -21.43 6.19
CA GLU A 161 -0.37 -21.80 6.35
C GLU A 161 -0.60 -22.67 7.58
N ASP A 162 0.31 -23.61 7.87
CA ASP A 162 0.12 -24.43 9.06
C ASP A 162 0.53 -23.72 10.34
N GLY A 163 1.16 -22.55 10.25
CA GLY A 163 1.58 -21.82 11.43
C GLY A 163 2.78 -22.39 12.13
N GLY A 164 3.66 -23.08 11.41
CA GLY A 164 4.80 -23.73 12.02
C GLY A 164 6.09 -22.95 12.03
N GLY A 165 6.10 -21.73 11.51
CA GLY A 165 7.29 -20.90 11.52
C GLY A 165 8.06 -20.85 10.22
N ASP A 166 7.74 -21.73 9.27
CA ASP A 166 8.46 -21.78 8.00
C ASP A 166 7.49 -22.24 6.92
N VAL A 167 7.83 -21.93 5.67
CA VAL A 167 6.98 -22.23 4.53
C VAL A 167 7.59 -23.36 3.73
N ASP A 168 6.86 -24.46 3.61
CA ASP A 168 7.28 -25.54 2.73
C ASP A 168 6.84 -25.23 1.30
N PHE A 169 7.14 -26.15 0.38
CA PHE A 169 6.85 -25.88 -1.03
C PHE A 169 5.34 -25.82 -1.29
N GLN A 170 4.57 -26.70 -0.65
CA GLN A 170 3.11 -26.64 -0.79
C GLN A 170 2.57 -25.28 -0.37
N GLU A 171 3.15 -24.70 0.68
CA GLU A 171 2.72 -23.37 1.13
C GLU A 171 3.23 -22.27 0.20
N PHE A 172 4.48 -22.42 -0.27
CA PHE A 172 5.04 -21.48 -1.23
C PHE A 172 4.16 -21.38 -2.47
N VAL A 173 3.83 -22.51 -3.08
CA VAL A 173 3.01 -22.52 -4.28
C VAL A 173 1.60 -22.04 -3.98
N SER A 174 1.03 -22.48 -2.86
CA SER A 174 -0.34 -22.07 -2.53
C SER A 174 -0.42 -20.56 -2.36
N GLY A 175 0.57 -19.96 -1.70
CA GLY A 175 0.53 -18.52 -1.50
C GLY A 175 0.64 -17.74 -2.80
N LEU A 176 1.56 -18.15 -3.68
CA LEU A 176 1.71 -17.50 -4.97
C LEU A 176 0.49 -17.72 -5.86
N SER A 177 -0.16 -18.88 -5.76
CA SER A 177 -1.26 -19.20 -6.67
C SER A 177 -2.40 -18.20 -6.53
N ALA A 178 -2.59 -17.66 -5.32
CA ALA A 178 -3.67 -16.70 -5.10
C ALA A 178 -3.49 -15.44 -5.92
N PHE A 179 -2.25 -15.08 -6.25
CA PHE A 179 -1.99 -13.84 -6.99
C PHE A 179 -1.92 -14.05 -8.50
N SER A 180 -2.15 -15.26 -8.99
CA SER A 180 -2.12 -15.52 -10.42
C SER A 180 -3.26 -14.79 -11.12
N SER A 181 -3.01 -14.40 -12.37
CA SER A 181 -4.09 -13.85 -13.20
C SER A 181 -5.14 -14.91 -13.53
N LYS A 182 -4.81 -16.18 -13.32
CA LYS A 182 -5.74 -17.28 -13.50
C LYS A 182 -6.53 -17.59 -12.24
N GLY A 183 -6.25 -16.90 -11.13
CA GLY A 183 -6.99 -17.13 -9.91
C GLY A 183 -8.34 -16.43 -9.90
N ASN A 184 -9.18 -16.81 -8.95
CA ASN A 184 -10.54 -16.27 -8.92
C ASN A 184 -10.67 -15.20 -7.85
N LYS A 185 -11.82 -14.53 -7.88
CA LYS A 185 -12.05 -13.44 -6.93
C LYS A 185 -12.02 -13.95 -5.51
N GLU A 186 -12.56 -15.14 -5.28
CA GLU A 186 -12.74 -15.60 -3.91
C GLU A 186 -11.42 -15.84 -3.20
N GLU A 187 -10.44 -16.42 -3.89
CA GLU A 187 -9.17 -16.68 -3.21
C GLU A 187 -8.36 -15.40 -3.03
N LYS A 188 -8.59 -14.40 -3.88
CA LYS A 188 -7.94 -13.11 -3.66
C LYS A 188 -8.59 -12.36 -2.50
N LEU A 189 -9.92 -12.46 -2.37
CA LEU A 189 -10.57 -11.91 -1.19
C LEU A 189 -10.06 -12.58 0.07
N ARG A 190 -9.84 -13.90 0.01
CA ARG A 190 -9.37 -14.61 1.20
C ARG A 190 -7.97 -14.18 1.59
N PHE A 191 -7.07 -14.03 0.61
CA PHE A 191 -5.73 -13.57 0.92
C PHE A 191 -5.76 -12.17 1.53
N ALA A 192 -6.56 -11.27 0.95
CA ALA A 192 -6.67 -9.91 1.48
C ALA A 192 -7.16 -9.93 2.92
N PHE A 193 -8.21 -10.71 3.19
CA PHE A 193 -8.72 -10.84 4.56
C PHE A 193 -7.62 -11.32 5.50
N LYS A 194 -6.83 -12.31 5.08
CA LYS A 194 -5.74 -12.84 5.91
C LYS A 194 -4.69 -11.79 6.24
N VAL A 195 -4.53 -10.76 5.41
CA VAL A 195 -3.59 -9.71 5.74
C VAL A 195 -3.98 -9.05 7.06
N TYR A 196 -5.28 -8.87 7.29
CA TYR A 196 -5.75 -8.18 8.49
C TYR A 196 -5.99 -9.12 9.66
N ASP A 197 -6.34 -10.38 9.39
CA ASP A 197 -6.73 -11.32 10.45
C ASP A 197 -5.49 -11.96 11.05
N ILE A 198 -4.84 -11.20 11.94
CA ILE A 198 -3.53 -11.59 12.47
C ILE A 198 -3.60 -12.96 13.14
N ASP A 199 -4.58 -13.18 14.02
CA ASP A 199 -4.57 -14.42 14.77
C ASP A 199 -5.31 -15.57 14.08
N ARG A 200 -5.73 -15.37 12.82
CA ARG A 200 -6.24 -16.46 11.97
C ARG A 200 -7.51 -17.11 12.52
N ASP A 201 -8.29 -16.39 13.32
CA ASP A 201 -9.51 -16.98 13.86
C ASP A 201 -10.72 -16.73 12.97
N GLY A 202 -10.55 -16.10 11.81
CA GLY A 202 -11.66 -15.87 10.91
C GLY A 202 -12.40 -14.58 11.14
N TYR A 203 -11.91 -13.72 12.03
CA TYR A 203 -12.53 -12.43 12.31
C TYR A 203 -11.45 -11.36 12.40
N ILE A 204 -11.72 -10.22 11.79
CA ILE A 204 -10.84 -9.06 11.91
C ILE A 204 -11.32 -8.28 13.13
N SER A 205 -10.51 -8.24 14.17
CA SER A 205 -10.85 -7.49 15.36
C SER A 205 -10.44 -6.03 15.21
N ASN A 206 -10.99 -5.19 16.08
CA ASN A 206 -10.64 -3.77 16.08
C ASN A 206 -9.12 -3.59 16.19
N GLY A 207 -8.51 -4.29 17.15
CA GLY A 207 -7.07 -4.15 17.35
C GLY A 207 -6.24 -4.66 16.18
N GLU A 208 -6.65 -5.79 15.58
CA GLU A 208 -5.95 -6.28 14.39
C GLU A 208 -6.00 -5.26 13.27
N LEU A 209 -7.18 -4.71 13.00
CA LEU A 209 -7.32 -3.77 11.90
C LEU A 209 -6.49 -2.52 12.16
N PHE A 210 -6.47 -2.04 13.41
CA PHE A 210 -5.61 -0.91 13.75
C PHE A 210 -4.14 -1.25 13.53
N ILE A 211 -3.69 -2.39 14.03
CA ILE A 211 -2.28 -2.76 13.97
C ILE A 211 -1.81 -2.84 12.52
N VAL A 212 -2.57 -3.51 11.67
CA VAL A 212 -2.11 -3.72 10.31
C VAL A 212 -2.14 -2.42 9.52
N LEU A 213 -3.16 -1.59 9.73
CA LEU A 213 -3.16 -0.28 9.09
C LEU A 213 -1.99 0.55 9.59
N LYS A 214 -1.72 0.51 10.90
CA LYS A 214 -0.60 1.26 11.45
C LYS A 214 0.73 0.80 10.83
N MET A 215 0.87 -0.50 10.57
CA MET A 215 2.09 -1.00 9.93
C MET A 215 2.33 -0.31 8.60
N MET A 216 1.26 -0.01 7.87
CA MET A 216 1.40 0.61 6.56
C MET A 216 1.42 2.13 6.59
N VAL A 217 0.79 2.77 7.58
CA VAL A 217 0.75 4.23 7.57
CA VAL A 217 0.71 4.23 7.62
C VAL A 217 1.85 4.84 8.42
N GLY A 218 2.38 4.13 9.41
CA GLY A 218 3.42 4.72 10.25
C GLY A 218 2.91 5.97 10.92
N ASN A 219 3.73 7.03 10.87
CA ASN A 219 3.36 8.29 11.49
C ASN A 219 2.63 9.23 10.54
N ASN A 220 2.11 8.72 9.43
CA ASN A 220 1.41 9.59 8.47
C ASN A 220 -0.04 9.86 8.86
N LEU A 221 -0.58 9.13 9.82
CA LEU A 221 -1.79 9.53 10.52
C LEU A 221 -1.55 9.39 12.01
N LYS A 222 -2.20 10.24 12.80
CA LYS A 222 -2.14 10.10 14.25
C LYS A 222 -2.92 8.86 14.69
N ASP A 223 -2.53 8.29 15.83
CA ASP A 223 -3.26 7.11 16.30
C ASP A 223 -4.75 7.41 16.46
N VAL A 224 -5.09 8.62 16.93
CA VAL A 224 -6.51 8.91 17.14
C VAL A 224 -7.25 9.02 15.82
N GLN A 225 -6.58 9.48 14.75
CA GLN A 225 -7.22 9.52 13.45
C GLN A 225 -7.46 8.11 12.92
N LEU A 226 -6.47 7.23 13.06
CA LEU A 226 -6.65 5.84 12.65
C LEU A 226 -7.76 5.18 13.46
N GLN A 227 -7.85 5.47 14.76
CA GLN A 227 -8.92 4.88 15.58
C GLN A 227 -10.31 5.29 15.09
N GLN A 228 -10.46 6.54 14.65
CA GLN A 228 -11.79 6.99 14.21
C GLN A 228 -12.23 6.25 12.95
N ILE A 229 -11.33 6.09 11.98
CA ILE A 229 -11.73 5.46 10.73
C ILE A 229 -11.85 3.95 10.88
N VAL A 230 -11.01 3.32 11.70
CA VAL A 230 -11.21 1.91 12.02
C VAL A 230 -12.57 1.69 12.66
N ASP A 231 -12.92 2.54 13.63
CA ASP A 231 -14.18 2.38 14.35
C ASP A 231 -15.37 2.59 13.42
N LYS A 232 -15.30 3.59 12.55
CA LYS A 232 -16.39 3.85 11.63
C LYS A 232 -16.55 2.72 10.62
N THR A 233 -15.43 2.22 10.08
CA THR A 233 -15.54 1.12 9.12
C THR A 233 -16.15 -0.11 9.77
N ILE A 234 -15.75 -0.41 11.01
CA ILE A 234 -16.30 -1.58 11.68
C ILE A 234 -17.79 -1.39 11.95
N MET A 235 -18.18 -0.20 12.42
CA MET A 235 -19.61 0.06 12.61
C MET A 235 -20.39 -0.16 11.32
N GLU A 236 -19.81 0.21 10.18
CA GLU A 236 -20.50 0.06 8.90
C GLU A 236 -20.53 -1.39 8.41
N ALA A 237 -19.46 -2.14 8.64
CA ALA A 237 -19.35 -3.49 8.10
C ALA A 237 -19.89 -4.56 9.03
N ASP A 238 -19.99 -4.27 10.32
CA ASP A 238 -20.28 -5.30 11.33
C ASP A 238 -21.79 -5.51 11.40
N LYS A 239 -22.28 -6.35 10.48
CA LYS A 239 -23.73 -6.50 10.32
C LYS A 239 -24.38 -7.12 11.55
N ASP A 240 -23.73 -8.14 12.14
CA ASP A 240 -24.34 -8.80 13.29
C ASP A 240 -23.89 -8.20 14.61
N ARG A 241 -23.12 -7.11 14.59
CA ARG A 241 -22.88 -6.27 15.76
C ARG A 241 -22.13 -7.00 16.88
N ASP A 242 -21.16 -7.85 16.53
CA ASP A 242 -20.29 -8.47 17.51
C ASP A 242 -18.95 -7.74 17.65
N GLY A 243 -18.79 -6.57 17.03
CA GLY A 243 -17.57 -5.78 17.16
C GLY A 243 -16.41 -6.25 16.32
N LYS A 244 -16.58 -7.30 15.50
CA LYS A 244 -15.52 -7.81 14.63
C LYS A 244 -16.09 -7.94 13.23
N ILE A 245 -15.19 -8.14 12.26
CA ILE A 245 -15.57 -8.26 10.85
CA ILE A 245 -15.57 -8.26 10.85
C ILE A 245 -15.29 -9.69 10.38
N SER A 246 -16.36 -10.42 10.06
CA SER A 246 -16.21 -11.76 9.51
C SER A 246 -15.81 -11.70 8.03
N PHE A 247 -15.44 -12.85 7.48
CA PHE A 247 -15.11 -12.88 6.05
C PHE A 247 -16.30 -12.42 5.21
N GLU A 248 -17.50 -12.90 5.52
CA GLU A 248 -18.67 -12.49 4.75
C GLU A 248 -18.93 -10.99 4.87
N GLU A 249 -18.78 -10.44 6.07
CA GLU A 249 -18.95 -8.99 6.23
C GLU A 249 -17.89 -8.22 5.45
N PHE A 250 -16.66 -8.75 5.39
CA PHE A 250 -15.58 -8.11 4.65
C PHE A 250 -15.86 -8.12 3.15
N THR A 251 -16.24 -9.27 2.61
CA THR A 251 -16.47 -9.34 1.16
C THR A 251 -17.66 -8.48 0.74
N GLU A 252 -18.67 -8.35 1.59
CA GLU A 252 -19.77 -7.45 1.28
C GLU A 252 -19.32 -6.00 1.31
N MET A 253 -18.46 -5.64 2.24
CA MET A 253 -17.93 -4.27 2.30
C MET A 253 -17.19 -3.91 1.02
N VAL A 254 -16.46 -4.85 0.43
CA VAL A 254 -15.56 -4.52 -0.66
C VAL A 254 -16.13 -4.99 -2.00
N GLU A 255 -17.42 -5.29 -2.07
CA GLU A 255 -17.96 -5.90 -3.29
C GLU A 255 -17.96 -4.94 -4.48
N ASN A 256 -17.89 -3.62 -4.25
CA ASN A 256 -17.87 -2.65 -5.35
C ASN A 256 -16.53 -1.96 -5.48
N THR A 257 -15.46 -2.61 -5.05
CA THR A 257 -14.13 -2.11 -5.36
C THR A 257 -13.33 -3.26 -5.94
N ASP A 258 -12.22 -2.91 -6.59
CA ASP A 258 -11.52 -3.83 -7.49
C ASP A 258 -10.44 -4.63 -6.74
N VAL A 259 -10.90 -5.47 -5.80
CA VAL A 259 -9.96 -6.22 -4.96
C VAL A 259 -9.14 -7.19 -5.78
N SER A 260 -9.77 -7.85 -6.75
CA SER A 260 -9.05 -8.79 -7.61
C SER A 260 -7.85 -8.10 -8.27
N LEU A 261 -8.05 -6.89 -8.78
CA LEU A 261 -6.96 -6.15 -9.41
C LEU A 261 -5.82 -5.92 -8.43
N SER A 262 -6.14 -5.45 -7.22
CA SER A 262 -5.11 -5.23 -6.22
C SER A 262 -4.33 -6.51 -5.94
N MET A 263 -5.02 -7.65 -5.90
CA MET A 263 -4.41 -8.91 -5.47
CA MET A 263 -4.41 -8.91 -5.47
C MET A 263 -3.96 -9.77 -6.65
N THR A 264 -3.50 -9.15 -7.73
CA THR A 264 -3.03 -9.87 -8.89
C THR A 264 -1.67 -9.35 -9.32
N LEU A 265 -0.74 -10.26 -9.56
CA LEU A 265 0.56 -9.91 -10.11
C LEU A 265 0.41 -9.74 -11.62
N SER A 266 0.76 -8.55 -12.12
CA SER A 266 0.42 -8.17 -13.48
C SER A 266 1.09 -9.09 -14.51
N MET A 267 0.29 -9.53 -15.50
CA MET A 267 0.73 -10.48 -16.51
C MET A 267 1.18 -9.75 -17.77
N PHE A 268 2.31 -10.19 -18.33
CA PHE A 268 2.89 -9.60 -19.53
C PHE A 268 1.93 -9.65 -20.70
N MET B 21 6.44 17.89 -18.63
CA MET B 21 5.49 17.04 -19.35
C MET B 21 4.53 16.36 -18.37
N GLY B 22 4.97 15.23 -17.80
CA GLY B 22 4.11 14.49 -16.89
C GLY B 22 3.77 15.23 -15.62
N VAL B 23 4.70 16.04 -15.12
CA VAL B 23 4.43 16.91 -13.98
C VAL B 23 5.00 18.29 -14.29
N THR B 24 4.20 19.32 -14.05
CA THR B 24 4.67 20.69 -14.14
C THR B 24 4.60 21.32 -12.76
N LYS B 25 5.60 22.11 -12.41
CA LYS B 25 5.66 22.74 -11.09
C LYS B 25 5.59 24.24 -11.24
N GLU B 26 4.71 24.87 -10.47
CA GLU B 26 4.62 26.33 -10.40
C GLU B 26 5.01 26.74 -8.99
N LEU B 27 6.07 27.52 -8.86
CA LEU B 27 6.54 27.96 -7.55
C LEU B 27 5.65 29.09 -7.04
N LYS B 28 5.13 28.94 -5.83
CA LYS B 28 4.29 29.98 -5.23
C LYS B 28 5.05 30.83 -4.23
N SER B 29 5.87 30.21 -3.38
CA SER B 29 6.76 30.92 -2.45
CA SER B 29 6.77 30.94 -2.51
C SER B 29 8.06 30.14 -2.42
N PRO B 30 9.21 30.82 -2.45
CA PRO B 30 10.49 30.12 -2.58
C PRO B 30 10.97 29.52 -1.27
N GLY B 31 11.71 28.42 -1.40
CA GLY B 31 12.50 27.87 -0.31
C GLY B 31 13.85 28.55 -0.22
N ASN B 32 14.80 27.88 0.43
CA ASN B 32 16.11 28.49 0.60
C ASN B 32 16.97 28.43 -0.65
N GLY B 33 16.50 27.78 -1.71
CA GLY B 33 17.17 27.80 -3.00
C GLY B 33 18.43 26.96 -3.09
N VAL B 34 18.82 26.28 -2.01
CA VAL B 34 20.11 25.60 -1.94
CA VAL B 34 20.11 25.58 -1.98
C VAL B 34 19.95 24.11 -1.64
N ASP B 35 18.97 23.75 -0.81
CA ASP B 35 18.76 22.36 -0.39
C ASP B 35 17.60 21.74 -1.15
N PHE B 36 17.90 20.73 -1.97
CA PHE B 36 16.92 20.01 -2.79
C PHE B 36 16.94 18.52 -2.44
N PRO B 37 15.78 17.84 -2.43
CA PRO B 37 15.79 16.40 -2.16
C PRO B 37 16.52 15.64 -3.27
N LYS B 38 17.28 14.64 -2.87
CA LYS B 38 17.96 13.71 -3.77
C LYS B 38 17.27 12.35 -3.65
N LYS B 39 17.45 11.53 -4.68
CA LYS B 39 16.87 10.19 -4.67
C LYS B 39 17.26 9.45 -3.40
N GLY B 40 16.25 8.89 -2.73
CA GLY B 40 16.49 8.17 -1.49
C GLY B 40 16.29 8.99 -0.23
N ASP B 41 16.28 10.32 -0.33
CA ASP B 41 16.04 11.16 0.83
C ASP B 41 14.61 10.98 1.32
N PHE B 42 14.43 11.16 2.62
CA PHE B 42 13.10 11.20 3.21
C PHE B 42 12.64 12.65 3.31
N VAL B 43 11.47 12.94 2.75
CA VAL B 43 10.95 14.29 2.76
C VAL B 43 9.74 14.36 3.67
N THR B 44 9.53 15.54 4.25
CA THR B 44 8.35 15.87 5.02
C THR B 44 7.61 16.99 4.29
N ILE B 45 6.31 16.79 4.04
CA ILE B 45 5.55 17.64 3.14
C ILE B 45 4.15 17.89 3.70
N HIS B 46 3.68 19.13 3.61
CA HIS B 46 2.26 19.41 3.79
C HIS B 46 1.64 19.61 2.41
N TYR B 47 0.52 18.93 2.15
CA TYR B 47 -0.07 18.98 0.82
C TYR B 47 -1.59 19.15 0.90
N THR B 48 -2.14 19.65 -0.20
CA THR B 48 -3.57 19.64 -0.44
C THR B 48 -3.74 19.16 -1.86
N GLY B 49 -4.58 18.15 -2.06
CA GLY B 49 -4.84 17.60 -3.39
C GLY B 49 -6.19 18.02 -3.91
N ARG B 50 -6.23 18.44 -5.18
CA ARG B 50 -7.46 18.86 -5.82
C ARG B 50 -7.55 18.23 -7.20
N LEU B 51 -8.79 17.97 -7.64
CA LEU B 51 -9.06 17.69 -9.03
C LEU B 51 -9.01 18.99 -9.83
N THR B 52 -9.10 18.87 -11.17
CA THR B 52 -8.95 20.06 -12.00
C THR B 52 -10.12 21.03 -11.82
N ASP B 53 -11.30 20.53 -11.44
CA ASP B 53 -12.38 21.49 -11.16
C ASP B 53 -12.15 22.25 -9.86
N GLY B 54 -11.00 22.06 -9.22
CA GLY B 54 -10.66 22.76 -8.00
C GLY B 54 -11.12 22.09 -6.71
N SER B 55 -11.91 21.03 -6.78
CA SER B 55 -12.44 20.40 -5.59
CA SER B 55 -12.44 20.43 -5.57
C SER B 55 -11.33 19.67 -4.83
N LYS B 56 -11.26 19.88 -3.52
CA LYS B 56 -10.26 19.25 -2.69
C LYS B 56 -10.65 17.80 -2.44
N PHE B 57 -9.72 16.85 -2.66
CA PHE B 57 -10.00 15.48 -2.28
C PHE B 57 -9.24 15.03 -1.03
N ASP B 58 -8.15 15.71 -0.68
CA ASP B 58 -7.41 15.31 0.51
C ASP B 58 -6.49 16.46 0.91
N SER B 59 -6.13 16.50 2.18
CA SER B 59 -5.21 17.54 2.65
C SER B 59 -4.56 17.11 3.94
N SER B 60 -3.23 17.06 3.96
CA SER B 60 -2.54 16.80 5.23
C SER B 60 -2.63 18.01 6.16
N VAL B 61 -2.80 19.20 5.58
CA VAL B 61 -2.95 20.42 6.38
C VAL B 61 -4.19 20.33 7.25
N ASP B 62 -5.31 19.91 6.65
CA ASP B 62 -6.58 19.88 7.37
C ASP B 62 -6.56 18.89 8.52
N ARG B 63 -5.75 17.84 8.44
CA ARG B 63 -5.64 16.90 9.55
C ARG B 63 -4.43 17.18 10.44
N ASN B 64 -3.75 18.30 10.21
CA ASN B 64 -2.63 18.75 11.04
C ASN B 64 -1.59 17.65 11.24
N GLU B 65 -1.24 16.98 10.15
CA GLU B 65 -0.31 15.86 10.22
C GLU B 65 0.51 15.82 8.94
N PRO B 66 1.76 16.28 8.97
CA PRO B 66 2.58 16.29 7.76
C PRO B 66 2.78 14.88 7.22
N PHE B 67 3.03 14.81 5.92
CA PHE B 67 3.22 13.55 5.22
C PHE B 67 4.71 13.33 4.99
N GLN B 68 5.20 12.11 5.27
CA GLN B 68 6.61 11.79 5.09
C GLN B 68 6.77 10.58 4.18
N THR B 69 7.77 10.63 3.31
CA THR B 69 8.04 9.51 2.41
C THR B 69 9.48 9.57 1.97
N GLN B 70 10.04 8.41 1.63
CA GLN B 70 11.24 8.41 0.82
C GLN B 70 10.86 8.82 -0.59
N ILE B 71 11.69 9.67 -1.21
CA ILE B 71 11.37 10.25 -2.51
C ILE B 71 12.30 9.67 -3.57
N GLY B 72 11.79 9.56 -4.78
CA GLY B 72 12.61 9.11 -5.90
C GLY B 72 12.78 7.61 -5.99
N THR B 73 12.06 6.84 -5.18
CA THR B 73 12.21 5.37 -5.16
C THR B 73 10.89 4.65 -5.44
N GLY B 74 9.88 5.35 -5.93
CA GLY B 74 8.65 4.70 -6.34
C GLY B 74 7.68 4.43 -5.21
N ARG B 75 7.86 5.07 -4.06
CA ARG B 75 6.96 4.88 -2.94
C ARG B 75 5.76 5.83 -2.99
N VAL B 76 5.75 6.77 -3.92
CA VAL B 76 4.61 7.62 -4.19
C VAL B 76 4.45 7.72 -5.70
N ILE B 77 3.37 8.38 -6.14
CA ILE B 77 3.09 8.46 -7.58
C ILE B 77 4.23 9.19 -8.29
N LYS B 78 4.39 8.90 -9.58
CA LYS B 78 5.56 9.38 -10.32
C LYS B 78 5.63 10.91 -10.34
N GLY B 79 4.47 11.58 -10.38
CA GLY B 79 4.47 13.04 -10.37
C GLY B 79 5.11 13.64 -9.15
N TRP B 80 4.96 12.97 -8.00
CA TRP B 80 5.67 13.42 -6.80
C TRP B 80 7.15 13.07 -6.86
N ASP B 81 7.48 11.83 -7.26
CA ASP B 81 8.89 11.43 -7.36
C ASP B 81 9.67 12.36 -8.28
N GLU B 82 9.03 12.89 -9.32
CA GLU B 82 9.74 13.77 -10.26
C GLU B 82 9.61 15.25 -9.91
N GLY B 83 8.51 15.65 -9.29
CA GLY B 83 8.29 17.05 -8.96
C GLY B 83 8.94 17.50 -7.66
N VAL B 84 8.86 16.67 -6.62
CA VAL B 84 9.36 17.08 -5.30
C VAL B 84 10.86 17.34 -5.30
N PRO B 85 11.71 16.52 -5.94
CA PRO B 85 13.15 16.84 -5.94
C PRO B 85 13.48 18.17 -6.60
N GLN B 86 12.56 18.77 -7.35
CA GLN B 86 12.82 20.08 -7.93
C GLN B 86 12.66 21.22 -6.92
N MET B 87 11.99 20.95 -5.82
CA MET B 87 11.71 21.99 -4.83
C MET B 87 12.88 22.13 -3.88
N SER B 88 13.13 23.37 -3.43
CA SER B 88 14.11 23.60 -2.39
C SER B 88 13.42 23.65 -1.04
N LEU B 89 14.20 23.42 0.01
CA LEU B 89 13.68 23.32 1.37
C LEU B 89 12.87 24.56 1.74
N GLY B 90 11.61 24.36 2.11
CA GLY B 90 10.74 25.45 2.49
C GLY B 90 9.86 25.98 1.37
N GLU B 91 10.03 25.51 0.15
CA GLU B 91 9.26 26.01 -0.98
C GLU B 91 7.79 25.59 -0.89
N LYS B 92 6.89 26.48 -1.29
CA LYS B 92 5.51 26.13 -1.61
C LYS B 92 5.34 26.17 -3.11
N ALA B 93 4.77 25.10 -3.67
CA ALA B 93 4.60 25.01 -5.11
C ALA B 93 3.28 24.32 -5.40
N VAL B 94 2.87 24.36 -6.66
CA VAL B 94 1.74 23.57 -7.14
C VAL B 94 2.26 22.61 -8.21
N LEU B 95 2.02 21.32 -7.99
CA LEU B 95 2.32 20.28 -8.95
C LEU B 95 1.06 19.95 -9.74
N THR B 96 1.15 20.03 -11.07
CA THR B 96 0.09 19.57 -11.96
C THR B 96 0.54 18.27 -12.61
N ILE B 97 -0.19 17.20 -12.35
CA ILE B 97 0.28 15.85 -12.66
C ILE B 97 -0.71 15.18 -13.60
N THR B 98 -0.24 14.76 -14.76
CA THR B 98 -1.13 14.11 -15.73
C THR B 98 -1.39 12.67 -15.29
N PRO B 99 -2.42 12.00 -15.84
CA PRO B 99 -2.76 10.67 -15.30
C PRO B 99 -1.63 9.65 -15.45
N ASP B 100 -0.79 9.78 -16.48
CA ASP B 100 0.32 8.84 -16.61
CA ASP B 100 0.35 8.87 -16.64
C ASP B 100 1.32 8.95 -15.47
N TYR B 101 1.39 10.10 -14.79
CA TYR B 101 2.25 10.28 -13.64
C TYR B 101 1.48 10.22 -12.33
N GLY B 102 0.21 9.78 -12.40
CA GLY B 102 -0.66 9.73 -11.25
C GLY B 102 -1.27 8.35 -11.14
N TYR B 103 -2.60 8.25 -11.20
CA TYR B 103 -3.27 6.97 -11.01
C TYR B 103 -3.80 6.35 -12.31
N GLY B 104 -3.45 6.93 -13.45
CA GLY B 104 -3.64 6.25 -14.73
C GLY B 104 -5.11 5.99 -15.04
N ALA B 105 -5.35 4.89 -15.77
CA ALA B 105 -6.71 4.59 -16.23
C ALA B 105 -7.59 4.09 -15.09
N ARG B 106 -7.00 3.44 -14.09
CA ARG B 106 -7.78 2.91 -12.98
C ARG B 106 -8.27 4.03 -12.06
N GLY B 107 -7.45 5.05 -11.85
CA GLY B 107 -7.72 6.00 -10.80
C GLY B 107 -7.35 5.39 -9.45
N PHE B 108 -7.85 6.02 -8.39
CA PHE B 108 -7.69 5.47 -7.05
C PHE B 108 -9.08 5.29 -6.45
N PRO B 109 -9.45 4.06 -6.07
CA PRO B 109 -10.83 3.78 -5.65
C PRO B 109 -11.29 4.70 -4.53
N GLY B 110 -12.54 5.15 -4.64
CA GLY B 110 -13.15 6.02 -3.67
C GLY B 110 -12.74 7.48 -3.75
N VAL B 111 -11.67 7.82 -4.50
CA VAL B 111 -11.10 9.16 -4.40
C VAL B 111 -10.82 9.78 -5.75
N ILE B 112 -10.14 9.07 -6.64
CA ILE B 112 -9.62 9.64 -7.88
C ILE B 112 -10.21 8.88 -9.05
N PRO B 113 -10.95 9.53 -9.95
CA PRO B 113 -11.46 8.83 -11.13
C PRO B 113 -10.32 8.41 -12.05
N GLY B 114 -10.63 7.44 -12.91
CA GLY B 114 -9.72 7.13 -13.99
C GLY B 114 -9.44 8.35 -14.86
N ASN B 115 -8.22 8.37 -15.44
CA ASN B 115 -7.83 9.40 -16.42
C ASN B 115 -7.93 10.81 -15.83
N SER B 116 -7.47 10.99 -14.59
CA SER B 116 -7.59 12.25 -13.87
C SER B 116 -6.24 12.98 -13.80
N THR B 117 -6.25 14.25 -14.19
CA THR B 117 -5.14 15.14 -13.86
C THR B 117 -5.31 15.62 -12.41
N LEU B 118 -4.19 15.73 -11.70
CA LEU B 118 -4.21 16.02 -10.27
C LEU B 118 -3.45 17.30 -10.00
N ILE B 119 -3.95 18.13 -9.09
CA ILE B 119 -3.32 19.39 -8.72
CA ILE B 119 -3.33 19.40 -8.72
C ILE B 119 -2.97 19.30 -7.24
N PHE B 120 -1.68 19.32 -6.91
CA PHE B 120 -1.24 19.30 -5.52
C PHE B 120 -0.58 20.60 -5.13
N GLU B 121 -1.11 21.26 -4.10
CA GLU B 121 -0.35 22.26 -3.36
C GLU B 121 0.61 21.55 -2.43
N VAL B 122 1.91 21.86 -2.52
CA VAL B 122 2.92 21.13 -1.76
CA VAL B 122 2.95 21.13 -1.80
C VAL B 122 3.85 22.14 -1.10
N GLU B 123 4.12 21.92 0.19
CA GLU B 123 5.10 22.69 0.95
C GLU B 123 6.17 21.73 1.44
N LEU B 124 7.42 21.97 1.07
CA LEU B 124 8.51 21.06 1.43
C LEU B 124 9.05 21.49 2.79
N LEU B 125 8.67 20.74 3.83
CA LEU B 125 8.98 21.11 5.20
C LEU B 125 10.28 20.52 5.71
N GLY B 126 10.74 19.40 5.15
CA GLY B 126 11.91 18.72 5.67
C GLY B 126 12.58 17.88 4.62
N ILE B 127 13.91 17.80 4.71
CA ILE B 127 14.70 16.88 3.91
C ILE B 127 15.57 16.13 4.91
N ASN B 128 15.33 14.83 5.05
CA ASN B 128 15.96 14.04 6.10
C ASN B 128 15.78 14.78 7.43
N ASN B 129 16.87 15.19 8.08
CA ASN B 129 16.76 15.88 9.36
C ASN B 129 16.77 17.40 9.24
N LYS B 130 16.94 17.94 8.04
CA LYS B 130 16.89 19.38 7.86
C LYS B 130 15.43 19.84 7.82
N ARG B 131 15.11 20.91 8.54
CA ARG B 131 13.76 21.43 8.61
CA ARG B 131 13.75 21.42 8.59
C ARG B 131 13.72 22.86 8.10
N ALA B 132 12.65 23.22 7.41
CA ALA B 132 12.45 24.58 6.93
C ALA B 132 12.19 25.53 8.10
CA CA C . -8.71 -12.28 14.21
CA CA D . -19.54 -8.89 12.83
CA CA E . 15.82 -22.85 4.99
CA CA F . 4.26 -23.90 7.37
O1 PG4 G . -14.31 12.52 21.70
C1 PG4 G . -14.26 11.53 22.71
C2 PG4 G . -12.86 11.03 22.94
O2 PG4 G . -12.37 10.45 21.75
C3 PG4 G . -11.27 9.57 21.98
C4 PG4 G . -10.80 9.00 20.69
O3 PG4 G . -11.88 8.34 20.03
C5 PG4 G . -11.32 7.62 18.96
C6 PG4 G . -12.40 6.80 18.31
O4 PG4 G . -13.44 7.69 17.93
C7 PG4 G . -14.57 6.88 17.62
C8 PG4 G . -15.78 7.74 17.48
O5 PG4 G . -15.49 8.79 16.56
P PO4 H . -9.99 -11.88 17.67
O1 PO4 H . -9.30 -10.84 18.52
O2 PO4 H . -9.53 -11.73 16.24
O3 PO4 H . -11.48 -11.68 17.75
O4 PO4 H . -9.63 -13.24 18.20
C1 FK5 I . 0.45 9.07 -3.08
C2 FK5 I . 0.04 10.50 -3.32
C3 FK5 I . 1.26 11.40 -3.13
C4 FK5 I . 1.68 11.50 -1.66
C5 FK5 I . 0.52 11.93 -0.76
C6 FK5 I . -0.68 10.99 -0.93
C8 FK5 I . -2.24 11.14 -2.83
C9 FK5 I . -3.29 11.55 -2.03
C10 FK5 I . -4.26 10.55 -1.40
C11 FK5 I . -4.47 9.33 -2.31
C12 FK5 I . -5.08 8.17 -1.50
C13 FK5 I . -4.34 7.97 -0.17
C14 FK5 I . -4.35 9.28 0.61
C15 FK5 I . -3.63 9.24 1.97
C16 FK5 I . -2.27 8.55 1.89
C17 FK5 I . -1.41 8.67 3.15
C18 FK5 I . -1.80 7.59 4.16
C19 FK5 I . -1.16 6.27 3.79
C20 FK5 I . -1.96 5.27 3.08
C21 FK5 I . -1.37 3.96 2.64
C22 FK5 I . -0.87 4.13 1.24
C23 FK5 I . 0.55 4.59 0.94
C24 FK5 I . 0.72 5.06 -0.51
C25 FK5 I . 0.29 6.52 -0.73
C26 FK5 I . 0.35 6.97 -2.20
C27 FK5 I . -0.54 6.08 -3.04
C28 FK5 I . 0.08 5.19 -4.01
C29 FK5 I . -0.69 4.20 -4.84
C30 FK5 I . 0.00 4.10 -6.19
C31 FK5 I . -0.71 3.07 -7.08
C32 FK5 I . -0.70 1.71 -6.40
C33 FK5 I . -1.35 1.78 -5.02
C34 FK5 I . -0.70 2.84 -4.13
C35 FK5 I . -5.32 9.64 -3.54
C36 FK5 I . -1.52 10.07 3.79
C37 FK5 I . 0.27 6.00 4.18
C38 FK5 I . -2.49 2.92 2.64
C39 FK5 I . -3.10 2.86 4.02
C40 FK5 I . -2.88 1.66 4.83
C41 FK5 I . 1.12 7.49 0.10
C42 FK5 I . -2.03 6.12 -2.82
C43 FK5 I . -4.46 5.66 0.17
C44 FK5 I . -5.34 9.54 3.54
C45 FK5 I . -0.30 4.03 -9.21
N7 FK5 I . -1.01 10.87 -2.37
O1 FK5 I . -0.14 8.31 -2.24
O2 FK5 I . 1.50 8.61 -3.84
O3 FK5 I . -2.48 11.00 -4.18
O4 FK5 I . -3.48 12.90 -1.75
O5 FK5 I . -3.66 10.23 -0.17
O6 FK5 I . -5.53 11.19 -1.17
O7 FK5 I . -4.96 6.92 0.57
O8 FK5 I . -4.42 8.63 2.96
O9 FK5 I . -1.78 3.88 0.22
O10 FK5 I . 2.09 4.92 -0.82
O11 FK5 I . -0.03 2.97 -8.31
O12 FK5 I . -1.41 0.80 -7.23
#